data_8VY6
#
_entry.id   8VY6
#
_cell.length_a   123.679
_cell.length_b   132.648
_cell.length_c   65.361
_cell.angle_alpha   90.00
_cell.angle_beta   90.00
_cell.angle_gamma   90.00
#
_symmetry.space_group_name_H-M   'C 2 2 2'
#
loop_
_entity.id
_entity.type
_entity.pdbx_description
1 polymer '6A8 light chain'
2 non-polymer 'SULFATE ION'
3 water water
#
_entity_poly.entity_id   1
_entity_poly.type   'polypeptide(L)'
_entity_poly.pdbx_seq_one_letter_code
;MQIVLTQSPSSLSASLGERVSLTCRASQDIGSSLNWLQQEPDGTIKRLIYATSSLDSGVPKRFSGSRSGSDYSLTISSLE
SEDFVDYYCLQYASSPWTFGGGTKLEIKRADAAPTVSIFPPSSEQLTSGGASVVCFLNNFYPKDINVKWKIDGSERQNGV
LNSWTDQDSKDSTYSMSSTLTLTKDEYERHNSYTCEATHKTSTSPIVKSFNRHHHHHHHH
;
_entity_poly.pdbx_strand_id   A,B
#
# COMPACT_ATOMS: atom_id res chain seq x y z
N MET A 1 28.90 17.53 -2.26
CA MET A 1 28.39 17.32 -0.88
C MET A 1 27.10 16.50 -0.91
N GLN A 2 27.13 15.27 -0.38
CA GLN A 2 25.97 14.33 -0.28
C GLN A 2 25.30 14.54 1.09
N ILE A 3 24.07 15.06 1.10
CA ILE A 3 23.42 15.70 2.28
C ILE A 3 22.31 14.78 2.80
N VAL A 4 22.32 14.50 4.11
CA VAL A 4 21.29 13.66 4.79
C VAL A 4 20.22 14.58 5.38
N LEU A 5 18.94 14.28 5.13
CA LEU A 5 17.76 14.97 5.72
C LEU A 5 17.10 14.03 6.73
N THR A 6 17.21 14.33 8.02
CA THR A 6 16.55 13.58 9.12
C THR A 6 15.15 14.16 9.35
N GLN A 7 14.10 13.38 9.06
CA GLN A 7 12.69 13.84 9.12
C GLN A 7 12.03 13.31 10.40
N SER A 8 11.41 14.21 11.17
CA SER A 8 10.74 13.94 12.47
C SER A 8 9.30 14.43 12.42
N PRO A 9 8.31 13.68 12.96
CA PRO A 9 8.49 12.27 13.30
C PRO A 9 8.26 11.39 12.07
N SER A 10 8.62 10.11 12.15
CA SER A 10 8.36 9.08 11.12
C SER A 10 6.85 8.86 10.98
N SER A 11 6.14 8.67 12.09
CA SER A 11 4.66 8.54 12.17
C SER A 11 4.10 9.62 13.09
N LEU A 12 2.98 10.25 12.71
CA LEU A 12 2.34 11.34 13.49
C LEU A 12 0.84 11.10 13.58
N SER A 13 0.31 10.91 14.80
CA SER A 13 -1.15 10.75 15.07
C SER A 13 -1.71 12.09 15.55
N ALA A 14 -2.79 12.58 14.93
CA ALA A 14 -3.47 13.85 15.29
C ALA A 14 -4.95 13.77 14.88
N SER A 15 -5.75 14.77 15.26
CA SER A 15 -7.21 14.85 15.01
C SER A 15 -7.52 16.03 14.08
N LEU A 16 -8.76 16.09 13.58
CA LEU A 16 -9.24 17.18 12.69
C LEU A 16 -9.16 18.50 13.45
N GLY A 17 -8.58 19.53 12.83
CA GLY A 17 -8.47 20.89 13.39
C GLY A 17 -7.24 21.10 14.25
N GLU A 18 -6.47 20.05 14.53
CA GLU A 18 -5.20 20.13 15.30
C GLU A 18 -4.14 20.84 14.43
N ARG A 19 -3.24 21.56 15.08
CA ARG A 19 -1.98 22.10 14.48
C ARG A 19 -0.89 21.05 14.63
N VAL A 20 -0.23 20.70 13.53
CA VAL A 20 0.93 19.75 13.54
C VAL A 20 2.11 20.41 12.81
N SER A 21 3.33 20.01 13.19
CA SER A 21 4.61 20.41 12.54
C SER A 21 5.43 19.16 12.20
N LEU A 22 6.00 19.13 11.01
CA LEU A 22 7.05 18.17 10.60
C LEU A 22 8.39 18.90 10.62
N THR A 23 9.44 18.28 11.15
CA THR A 23 10.81 18.82 11.09
C THR A 23 11.64 17.99 10.12
N CYS A 24 12.57 18.64 9.43
CA CYS A 24 13.54 18.07 8.47
C CYS A 24 14.89 18.74 8.72
N ARG A 25 15.84 18.03 9.33
CA ARG A 25 17.18 18.58 9.68
C ARG A 25 18.19 18.21 8.59
N ALA A 26 18.82 19.20 7.97
CA ALA A 26 19.91 19.04 6.97
C ALA A 26 21.24 18.82 7.71
N SER A 27 22.02 17.85 7.27
CA SER A 27 23.35 17.48 7.81
C SER A 27 24.39 18.55 7.44
N GLN A 28 24.14 19.28 6.35
CA GLN A 28 24.97 20.43 5.88
C GLN A 28 24.03 21.55 5.45
N ASP A 29 24.52 22.79 5.42
CA ASP A 29 23.73 23.98 5.02
C ASP A 29 23.24 23.78 3.58
N ILE A 30 21.94 23.96 3.37
CA ILE A 30 21.25 23.89 2.04
C ILE A 30 20.58 25.25 1.77
N GLY A 31 20.84 26.25 2.62
CA GLY A 31 20.23 27.58 2.52
C GLY A 31 18.72 27.47 2.54
N SER A 32 18.06 28.06 1.54
CA SER A 32 16.58 28.10 1.44
C SER A 32 16.10 26.99 0.49
N SER A 33 17.02 26.23 -0.11
CA SER A 33 16.71 25.23 -1.16
C SER A 33 16.16 23.94 -0.53
N LEU A 34 14.96 24.03 0.05
CA LEU A 34 14.20 22.85 0.49
C LEU A 34 12.75 22.96 0.02
N ASN A 35 12.20 21.86 -0.51
CA ASN A 35 10.79 21.72 -0.94
C ASN A 35 10.09 20.73 -0.02
N TRP A 36 8.78 20.93 0.17
CA TRP A 36 7.88 19.99 0.91
C TRP A 36 6.93 19.34 -0.08
N LEU A 37 6.92 18.00 -0.10
CA LEU A 37 6.11 17.19 -1.02
C LEU A 37 4.99 16.51 -0.22
N GLN A 38 3.89 16.22 -0.89
CA GLN A 38 2.77 15.42 -0.38
C GLN A 38 2.60 14.21 -1.29
N GLN A 39 2.56 13.00 -0.73
CA GLN A 39 2.28 11.75 -1.49
C GLN A 39 0.90 11.23 -1.07
N GLU A 40 -0.03 11.15 -2.03
CA GLU A 40 -1.40 10.60 -1.84
C GLU A 40 -1.31 9.08 -1.73
N PRO A 41 -2.33 8.41 -1.17
CA PRO A 41 -2.29 6.95 -0.98
C PRO A 41 -2.14 6.17 -2.29
N ASP A 42 -2.56 6.76 -3.42
CA ASP A 42 -2.45 6.17 -4.78
C ASP A 42 -1.03 6.36 -5.33
N GLY A 43 -0.14 7.04 -4.59
CA GLY A 43 1.27 7.22 -4.95
C GLY A 43 1.56 8.53 -5.67
N THR A 44 0.54 9.33 -5.99
CA THR A 44 0.67 10.67 -6.63
C THR A 44 1.47 11.62 -5.72
N ILE A 45 2.42 12.39 -6.28
CA ILE A 45 3.26 13.35 -5.51
C ILE A 45 2.97 14.78 -6.00
N LYS A 46 2.74 15.71 -5.08
CA LYS A 46 2.61 17.17 -5.30
C LYS A 46 3.74 17.88 -4.53
N ARG A 47 4.13 19.08 -4.98
CA ARG A 47 4.93 20.04 -4.18
C ARG A 47 3.96 21.05 -3.54
N LEU A 48 3.97 21.15 -2.20
CA LEU A 48 3.14 22.12 -1.43
C LEU A 48 3.93 23.41 -1.26
N ILE A 49 5.16 23.30 -0.79
CA ILE A 49 6.03 24.45 -0.40
C ILE A 49 7.37 24.31 -1.13
N TYR A 50 7.93 25.42 -1.59
CA TYR A 50 9.27 25.48 -2.23
C TYR A 50 10.07 26.62 -1.62
N ALA A 51 11.39 26.55 -1.76
CA ALA A 51 12.36 27.55 -1.26
C ALA A 51 12.04 27.86 0.21
N THR A 52 11.80 26.82 1.01
CA THR A 52 11.56 26.86 2.47
C THR A 52 10.15 27.33 2.81
N SER A 53 9.73 28.51 2.34
CA SER A 53 8.58 29.27 2.89
C SER A 53 7.42 29.41 1.89
N SER A 54 7.69 29.33 0.58
CA SER A 54 6.74 29.75 -0.49
C SER A 54 5.70 28.65 -0.77
N LEU A 55 4.42 29.02 -0.77
CA LEU A 55 3.30 28.13 -1.17
C LEU A 55 3.21 28.09 -2.69
N ASP A 56 3.12 26.89 -3.27
CA ASP A 56 2.83 26.68 -4.71
C ASP A 56 1.38 27.12 -4.98
N SER A 57 1.09 27.48 -6.24
CA SER A 57 -0.25 27.91 -6.70
C SER A 57 -1.28 26.88 -6.28
N GLY A 58 -2.39 27.34 -5.70
CA GLY A 58 -3.56 26.52 -5.36
C GLY A 58 -3.43 25.80 -4.02
N VAL A 59 -2.26 25.80 -3.40
CA VAL A 59 -2.00 25.12 -2.10
C VAL A 59 -2.73 25.89 -1.00
N PRO A 60 -3.57 25.23 -0.18
CA PRO A 60 -4.30 25.90 0.89
C PRO A 60 -3.42 26.66 1.90
N LYS A 61 -3.96 27.70 2.51
CA LYS A 61 -3.24 28.65 3.41
C LYS A 61 -2.79 27.95 4.69
N ARG A 62 -3.46 26.87 5.09
CA ARG A 62 -3.19 26.13 6.36
C ARG A 62 -1.80 25.49 6.31
N PHE A 63 -1.26 25.23 5.11
CA PHE A 63 0.15 24.79 4.90
C PHE A 63 1.06 26.02 4.99
N SER A 64 2.18 25.87 5.70
CA SER A 64 3.23 26.92 5.86
C SER A 64 4.57 26.26 6.11
N GLY A 65 5.63 26.82 5.52
CA GLY A 65 7.00 26.33 5.62
C GLY A 65 7.88 27.37 6.28
N SER A 66 8.70 26.94 7.24
CA SER A 66 9.66 27.81 7.96
C SER A 66 11.00 27.07 8.11
N ARG A 67 12.01 27.82 8.53
CA ARG A 67 13.40 27.33 8.72
C ARG A 67 13.94 27.99 9.98
N SER A 68 14.56 27.19 10.84
CA SER A 68 15.22 27.62 12.10
C SER A 68 16.63 27.03 12.11
N GLY A 69 17.62 27.78 11.62
CA GLY A 69 18.97 27.29 11.30
C GLY A 69 18.92 26.25 10.21
N SER A 70 19.36 25.03 10.50
CA SER A 70 19.41 23.88 9.56
C SER A 70 18.21 22.94 9.81
N ASP A 71 17.25 23.36 10.64
CA ASP A 71 15.96 22.68 10.85
C ASP A 71 14.88 23.37 10.01
N TYR A 72 14.27 22.63 9.07
CA TYR A 72 13.18 23.11 8.18
C TYR A 72 11.88 22.44 8.63
N SER A 73 10.80 23.22 8.76
CA SER A 73 9.50 22.78 9.33
C SER A 73 8.38 22.99 8.31
N LEU A 74 7.56 21.96 8.12
CA LEU A 74 6.20 22.07 7.53
C LEU A 74 5.22 22.16 8.69
N THR A 75 4.37 23.19 8.72
CA THR A 75 3.27 23.34 9.70
C THR A 75 1.93 23.33 8.94
N ILE A 76 1.00 22.50 9.40
CA ILE A 76 -0.44 22.51 8.98
C ILE A 76 -1.25 23.07 10.15
N SER A 77 -1.72 24.31 10.03
CA SER A 77 -2.31 25.12 11.12
C SER A 77 -3.56 24.42 11.68
N SER A 78 -4.36 23.79 10.80
CA SER A 78 -5.65 23.14 11.18
C SER A 78 -5.94 21.97 10.23
N LEU A 79 -5.64 20.75 10.69
CA LEU A 79 -5.71 19.50 9.87
C LEU A 79 -7.12 19.27 9.33
N GLU A 80 -7.20 18.90 8.05
CA GLU A 80 -8.44 18.41 7.38
C GLU A 80 -8.22 16.94 6.97
N SER A 81 -9.29 16.22 6.62
CA SER A 81 -9.29 14.75 6.40
C SER A 81 -8.38 14.40 5.21
N GLU A 82 -8.31 15.27 4.20
CA GLU A 82 -7.45 15.08 3.00
C GLU A 82 -5.97 15.14 3.37
N ASP A 83 -5.61 15.72 4.53
CA ASP A 83 -4.22 16.03 4.92
C ASP A 83 -3.52 14.83 5.57
N PHE A 84 -4.24 13.74 5.87
CA PHE A 84 -3.67 12.59 6.64
C PHE A 84 -3.00 11.62 5.67
N VAL A 85 -1.90 12.07 5.04
CA VAL A 85 -1.16 11.34 3.97
C VAL A 85 0.32 11.40 4.31
N ASP A 86 1.20 11.03 3.36
CA ASP A 86 2.68 11.04 3.53
C ASP A 86 3.22 12.40 3.09
N TYR A 87 4.25 12.87 3.79
CA TYR A 87 4.98 14.14 3.51
C TYR A 87 6.48 13.84 3.47
N TYR A 88 7.16 14.45 2.49
CA TYR A 88 8.63 14.35 2.30
C TYR A 88 9.21 15.76 2.15
N CYS A 89 10.34 16.01 2.81
CA CYS A 89 11.21 17.17 2.50
C CYS A 89 12.19 16.75 1.41
N LEU A 90 12.60 17.71 0.58
CA LEU A 90 13.48 17.50 -0.59
C LEU A 90 14.45 18.67 -0.66
N GLN A 91 15.75 18.43 -0.60
CA GLN A 91 16.79 19.49 -0.76
C GLN A 91 17.35 19.39 -2.17
N TYR A 92 17.54 20.54 -2.82
CA TYR A 92 18.06 20.68 -4.21
C TYR A 92 19.20 21.71 -4.22
N ALA A 93 19.90 21.85 -3.11
CA ALA A 93 21.05 22.76 -2.92
C ALA A 93 22.31 22.12 -3.53
N SER A 94 22.32 20.80 -3.63
CA SER A 94 23.53 19.98 -3.94
C SER A 94 23.13 18.68 -4.63
N SER A 95 24.01 18.15 -5.49
CA SER A 95 23.84 16.85 -6.19
C SER A 95 24.49 15.74 -5.35
N PRO A 96 23.82 14.59 -5.11
CA PRO A 96 22.45 14.37 -5.56
C PRO A 96 21.41 15.09 -4.68
N TRP A 97 20.26 15.39 -5.26
CA TRP A 97 19.04 15.79 -4.51
C TRP A 97 18.70 14.65 -3.55
N THR A 98 18.37 14.97 -2.31
CA THR A 98 18.05 13.96 -1.28
C THR A 98 16.73 14.33 -0.61
N PHE A 99 16.04 13.30 -0.10
CA PHE A 99 14.70 13.35 0.53
C PHE A 99 14.82 12.90 1.99
N GLY A 100 13.92 13.37 2.85
CA GLY A 100 13.74 12.84 4.20
C GLY A 100 13.14 11.44 4.15
N GLY A 101 13.16 10.73 5.27
CA GLY A 101 12.57 9.37 5.39
C GLY A 101 11.07 9.36 5.12
N GLY A 102 10.41 10.51 5.32
CA GLY A 102 8.95 10.65 5.19
C GLY A 102 8.28 10.74 6.54
N THR A 103 7.04 11.25 6.57
CA THR A 103 6.16 11.33 7.76
C THR A 103 4.74 10.94 7.35
N LYS A 104 4.20 9.86 7.91
CA LYS A 104 2.79 9.45 7.69
C LYS A 104 1.94 10.12 8.77
N LEU A 105 1.04 11.02 8.39
CA LEU A 105 -0.07 11.49 9.26
C LEU A 105 -1.13 10.40 9.32
N GLU A 106 -1.55 10.03 10.52
CA GLU A 106 -2.75 9.18 10.75
C GLU A 106 -3.70 9.91 11.68
N ILE A 107 -4.97 9.53 11.66
CA ILE A 107 -6.01 10.07 12.57
C ILE A 107 -5.91 9.36 13.93
N LYS A 108 -5.67 10.15 14.98
CA LYS A 108 -5.59 9.70 16.40
C LYS A 108 -6.96 9.19 16.84
N ARG A 109 -6.97 8.08 17.58
CA ARG A 109 -8.17 7.51 18.23
C ARG A 109 -7.75 6.73 19.48
N ALA A 110 -8.74 6.32 20.27
CA ALA A 110 -8.56 5.43 21.43
C ALA A 110 -7.91 4.13 20.95
N ASP A 111 -6.96 3.60 21.73
CA ASP A 111 -6.34 2.28 21.45
C ASP A 111 -7.45 1.23 21.44
N ALA A 112 -7.39 0.32 20.47
CA ALA A 112 -8.38 -0.76 20.24
C ALA A 112 -7.65 -2.11 20.13
N ALA A 113 -8.13 -3.13 20.84
CA ALA A 113 -7.64 -4.51 20.70
C ALA A 113 -8.26 -5.12 19.46
N PRO A 114 -7.52 -5.99 18.72
CA PRO A 114 -8.07 -6.64 17.54
C PRO A 114 -9.09 -7.72 17.94
N THR A 115 -10.17 -7.85 17.17
CA THR A 115 -11.05 -9.04 17.16
C THR A 115 -10.41 -10.06 16.23
N VAL A 116 -10.05 -11.24 16.74
CA VAL A 116 -9.34 -12.29 15.96
C VAL A 116 -10.34 -13.36 15.50
N SER A 117 -10.34 -13.66 14.19
CA SER A 117 -11.12 -14.73 13.53
C SER A 117 -10.17 -15.66 12.78
N ILE A 118 -10.41 -16.96 12.84
CA ILE A 118 -9.55 -17.99 12.20
C ILE A 118 -10.41 -18.77 11.21
N PHE A 119 -9.95 -18.92 9.96
CA PHE A 119 -10.66 -19.67 8.89
C PHE A 119 -9.80 -20.85 8.46
N PRO A 120 -10.28 -22.11 8.57
CA PRO A 120 -9.56 -23.25 8.04
C PRO A 120 -9.68 -23.26 6.52
N PRO A 121 -8.78 -23.95 5.79
CA PRO A 121 -8.81 -23.91 4.33
C PRO A 121 -10.01 -24.67 3.74
N SER A 122 -10.43 -24.29 2.53
CA SER A 122 -11.44 -24.98 1.71
C SER A 122 -10.85 -26.31 1.20
N SER A 123 -11.71 -27.29 0.91
CA SER A 123 -11.34 -28.57 0.23
C SER A 123 -10.72 -28.28 -1.14
N GLU A 124 -11.35 -27.37 -1.91
CA GLU A 124 -10.82 -26.91 -3.22
C GLU A 124 -9.39 -26.39 -3.04
N GLN A 125 -9.20 -25.38 -2.17
CA GLN A 125 -7.89 -24.78 -1.81
C GLN A 125 -6.89 -25.88 -1.45
N LEU A 126 -7.31 -26.83 -0.60
CA LEU A 126 -6.45 -27.81 0.11
C LEU A 126 -5.80 -28.78 -0.90
N THR A 127 -6.52 -29.15 -1.95
CA THR A 127 -6.02 -30.04 -3.04
C THR A 127 -5.14 -29.22 -4.00
N SER A 128 -5.48 -27.95 -4.24
CA SER A 128 -4.96 -27.11 -5.37
C SER A 128 -3.95 -26.08 -4.86
N GLY A 129 -2.69 -26.18 -5.29
CA GLY A 129 -1.58 -25.33 -4.83
C GLY A 129 -1.59 -25.18 -3.32
N GLY A 130 -1.68 -23.94 -2.81
CA GLY A 130 -1.55 -23.62 -1.38
C GLY A 130 -2.74 -24.08 -0.57
N ALA A 131 -2.50 -24.67 0.62
CA ALA A 131 -3.52 -24.95 1.66
C ALA A 131 -3.40 -23.89 2.76
N SER A 132 -4.29 -22.89 2.74
CA SER A 132 -4.13 -21.60 3.47
C SER A 132 -5.04 -21.55 4.69
N VAL A 133 -4.45 -21.49 5.88
CA VAL A 133 -5.15 -21.09 7.14
C VAL A 133 -5.04 -19.56 7.26
N VAL A 134 -6.19 -18.89 7.36
CA VAL A 134 -6.27 -17.40 7.40
C VAL A 134 -6.72 -16.97 8.79
N CYS A 135 -6.02 -15.99 9.35
CA CYS A 135 -6.24 -15.37 10.68
C CYS A 135 -6.52 -13.88 10.47
N PHE A 136 -7.75 -13.43 10.75
CA PHE A 136 -8.21 -12.02 10.61
C PHE A 136 -8.03 -11.31 11.96
N LEU A 137 -7.48 -10.10 11.94
CA LEU A 137 -7.32 -9.21 13.11
C LEU A 137 -7.94 -7.86 12.77
N ASN A 138 -9.08 -7.57 13.41
CA ASN A 138 -10.06 -6.55 12.94
C ASN A 138 -10.13 -5.39 13.93
N ASN A 139 -10.09 -4.17 13.40
CA ASN A 139 -10.45 -2.91 14.09
C ASN A 139 -9.59 -2.76 15.35
N PHE A 140 -8.27 -2.80 15.16
CA PHE A 140 -7.26 -2.51 16.22
C PHE A 140 -6.60 -1.15 15.92
N TYR A 141 -6.10 -0.51 16.98
CA TYR A 141 -5.27 0.72 16.92
C TYR A 141 -4.35 0.68 18.13
N PRO A 142 -3.05 1.08 18.00
CA PRO A 142 -2.45 1.50 16.73
C PRO A 142 -2.14 0.37 15.73
N LYS A 143 -1.62 0.75 14.56
CA LYS A 143 -1.38 -0.15 13.39
C LYS A 143 -0.38 -1.25 13.75
N ASP A 144 0.62 -0.95 14.56
CA ASP A 144 1.69 -1.92 14.94
C ASP A 144 1.04 -3.12 15.64
N ILE A 145 1.26 -4.32 15.10
CA ILE A 145 0.79 -5.62 15.67
C ILE A 145 1.73 -6.73 15.18
N ASN A 146 1.83 -7.83 15.93
CA ASN A 146 2.71 -8.98 15.61
C ASN A 146 1.90 -10.27 15.69
N VAL A 147 1.97 -11.13 14.68
CA VAL A 147 1.18 -12.38 14.59
C VAL A 147 2.15 -13.56 14.39
N LYS A 148 2.21 -14.46 15.37
CA LYS A 148 2.87 -15.79 15.30
C LYS A 148 1.87 -16.84 14.82
N TRP A 149 2.36 -17.91 14.19
CA TRP A 149 1.61 -19.17 13.93
C TRP A 149 2.25 -20.31 14.72
N LYS A 150 1.41 -21.14 15.33
CA LYS A 150 1.81 -22.39 16.01
C LYS A 150 1.04 -23.56 15.38
N ILE A 151 1.73 -24.68 15.13
CA ILE A 151 1.11 -25.96 14.68
C ILE A 151 1.34 -26.99 15.79
N ASP A 152 0.27 -27.44 16.46
CA ASP A 152 0.32 -28.36 17.62
C ASP A 152 1.39 -27.85 18.61
N GLY A 153 1.32 -26.56 18.95
CA GLY A 153 2.18 -25.93 19.98
C GLY A 153 3.53 -25.48 19.46
N SER A 154 3.93 -25.93 18.26
CA SER A 154 5.25 -25.63 17.63
C SER A 154 5.11 -24.45 16.67
N GLU A 155 5.98 -23.43 16.83
CA GLU A 155 5.95 -22.17 16.04
C GLU A 155 6.30 -22.46 14.58
N ARG A 156 5.52 -21.92 13.64
CA ARG A 156 5.79 -21.93 12.18
C ARG A 156 6.17 -20.52 11.73
N GLN A 157 7.33 -20.39 11.06
CA GLN A 157 7.97 -19.10 10.74
C GLN A 157 7.82 -18.79 9.25
N ASN A 158 7.99 -19.78 8.35
CA ASN A 158 7.97 -19.57 6.87
C ASN A 158 6.61 -19.99 6.31
N GLY A 159 6.25 -19.42 5.16
CA GLY A 159 4.95 -19.63 4.50
C GLY A 159 3.84 -18.81 5.14
N VAL A 160 4.19 -17.68 5.76
CA VAL A 160 3.23 -16.74 6.42
C VAL A 160 3.25 -15.40 5.68
N LEU A 161 2.08 -14.93 5.22
CA LEU A 161 1.91 -13.59 4.61
C LEU A 161 1.02 -12.72 5.49
N ASN A 162 1.55 -11.59 5.95
CA ASN A 162 0.87 -10.60 6.82
C ASN A 162 0.55 -9.36 5.98
N SER A 163 -0.72 -8.98 5.90
CA SER A 163 -1.25 -7.92 5.01
C SER A 163 -2.12 -6.95 5.82
N TRP A 164 -1.78 -5.65 5.78
CA TRP A 164 -2.49 -4.55 6.48
C TRP A 164 -3.47 -3.85 5.55
N THR A 165 -4.56 -3.33 6.10
CA THR A 165 -5.45 -2.32 5.45
C THR A 165 -4.88 -0.93 5.72
N ASP A 166 -5.25 0.07 4.93
CA ASP A 166 -5.04 1.50 5.30
C ASP A 166 -5.96 1.79 6.50
N GLN A 167 -5.80 2.95 7.13
CA GLN A 167 -6.66 3.41 8.25
C GLN A 167 -8.10 3.53 7.74
N ASP A 168 -9.05 2.96 8.47
CA ASP A 168 -10.51 3.00 8.16
C ASP A 168 -10.99 4.45 8.23
N SER A 169 -11.65 4.94 7.18
CA SER A 169 -12.16 6.33 7.07
C SER A 169 -13.31 6.54 8.06
N LYS A 170 -14.07 5.49 8.36
CA LYS A 170 -15.28 5.56 9.21
C LYS A 170 -14.87 5.63 10.69
N ASP A 171 -14.02 4.71 11.17
CA ASP A 171 -13.75 4.52 12.62
C ASP A 171 -12.25 4.66 12.97
N SER A 172 -11.37 4.93 11.99
CA SER A 172 -9.94 5.28 12.18
C SER A 172 -9.12 4.09 12.70
N THR A 173 -9.64 2.87 12.61
CA THR A 173 -8.96 1.63 13.06
C THR A 173 -8.18 1.01 11.90
N TYR A 174 -7.37 0.01 12.19
CA TYR A 174 -6.66 -0.85 11.21
C TYR A 174 -7.16 -2.29 11.35
N SER A 175 -7.17 -3.00 10.23
CA SER A 175 -7.41 -4.46 10.17
C SER A 175 -6.23 -5.11 9.43
N MET A 176 -6.11 -6.43 9.54
CA MET A 176 -4.88 -7.14 9.14
C MET A 176 -5.20 -8.64 9.02
N SER A 177 -4.79 -9.27 7.92
CA SER A 177 -4.88 -10.74 7.72
C SER A 177 -3.47 -11.33 7.84
N SER A 178 -3.34 -12.47 8.52
CA SER A 178 -2.15 -13.37 8.50
C SER A 178 -2.56 -14.68 7.84
N THR A 179 -1.93 -15.03 6.71
CA THR A 179 -2.21 -16.27 5.95
C THR A 179 -1.03 -17.23 6.09
N LEU A 180 -1.27 -18.40 6.72
CA LEU A 180 -0.31 -19.52 6.78
C LEU A 180 -0.56 -20.45 5.59
N THR A 181 0.18 -20.26 4.49
CA THR A 181 0.22 -21.21 3.34
C THR A 181 0.97 -22.47 3.78
N LEU A 182 0.44 -23.64 3.36
CA LEU A 182 0.91 -24.97 3.80
C LEU A 182 0.67 -25.97 2.66
N THR A 183 1.39 -27.10 2.69
CA THR A 183 1.22 -28.25 1.76
C THR A 183 0.01 -29.07 2.23
N LYS A 184 -0.68 -29.74 1.30
CA LYS A 184 -1.83 -30.64 1.62
C LYS A 184 -1.35 -31.68 2.63
N ASP A 185 -0.19 -32.29 2.35
CA ASP A 185 0.50 -33.28 3.21
C ASP A 185 0.70 -32.70 4.62
N GLU A 186 1.46 -31.60 4.72
CA GLU A 186 1.81 -30.90 5.99
C GLU A 186 0.54 -30.67 6.81
N TYR A 187 -0.48 -30.07 6.19
CA TYR A 187 -1.75 -29.67 6.86
C TYR A 187 -2.36 -30.88 7.54
N GLU A 188 -2.56 -32.00 6.81
CA GLU A 188 -3.29 -33.17 7.36
C GLU A 188 -2.36 -34.05 8.19
N ARG A 189 -1.06 -33.74 8.25
CA ARG A 189 -0.09 -34.33 9.22
C ARG A 189 -0.50 -33.94 10.65
N HIS A 190 -0.84 -32.67 10.85
CA HIS A 190 -1.15 -32.04 12.17
C HIS A 190 -2.64 -31.76 12.29
N ASN A 191 -3.10 -31.37 13.50
CA ASN A 191 -4.54 -31.10 13.77
C ASN A 191 -4.73 -29.70 14.36
N SER A 192 -3.87 -29.24 15.28
CA SER A 192 -4.04 -27.96 16.03
C SER A 192 -3.30 -26.79 15.36
N TYR A 193 -4.03 -25.75 14.99
CA TYR A 193 -3.52 -24.53 14.30
C TYR A 193 -3.93 -23.28 15.07
N THR A 194 -2.94 -22.43 15.39
CA THR A 194 -3.08 -21.28 16.30
C THR A 194 -2.28 -20.08 15.78
N CYS A 195 -2.97 -18.99 15.46
CA CYS A 195 -2.37 -17.64 15.31
C CYS A 195 -2.46 -16.95 16.67
N GLU A 196 -1.33 -16.41 17.16
CA GLU A 196 -1.26 -15.66 18.44
C GLU A 196 -0.73 -14.25 18.12
N ALA A 197 -1.44 -13.23 18.60
CA ALA A 197 -1.20 -11.81 18.30
C ALA A 197 -0.60 -11.10 19.51
N THR A 198 0.41 -10.26 19.29
CA THR A 198 0.93 -9.29 20.28
C THR A 198 0.52 -7.88 19.83
N HIS A 199 -0.24 -7.18 20.68
CA HIS A 199 -0.69 -5.78 20.48
C HIS A 199 -0.49 -5.03 21.79
N LYS A 200 -0.32 -3.71 21.71
CA LYS A 200 -0.20 -2.78 22.87
C LYS A 200 -1.32 -3.05 23.88
N THR A 201 -2.55 -3.25 23.40
CA THR A 201 -3.80 -3.22 24.20
C THR A 201 -4.04 -4.55 24.95
N SER A 202 -3.14 -5.51 24.84
CA SER A 202 -3.23 -6.78 25.60
C SER A 202 -1.92 -7.04 26.33
N THR A 203 -2.02 -7.23 27.65
CA THR A 203 -0.87 -7.53 28.55
C THR A 203 -0.33 -8.92 28.20
N SER A 204 -1.20 -9.80 27.66
CA SER A 204 -0.90 -11.18 27.22
C SER A 204 -1.27 -11.33 25.76
N PRO A 205 -0.75 -12.33 25.02
CA PRO A 205 -1.03 -12.45 23.59
C PRO A 205 -2.45 -12.95 23.32
N ILE A 206 -3.06 -12.45 22.24
CA ILE A 206 -4.44 -12.79 21.78
C ILE A 206 -4.34 -14.07 20.95
N VAL A 207 -5.12 -15.11 21.30
CA VAL A 207 -5.03 -16.47 20.69
C VAL A 207 -6.36 -16.81 20.01
N LYS A 208 -6.29 -17.35 18.79
CA LYS A 208 -7.40 -18.08 18.13
C LYS A 208 -6.83 -19.41 17.64
N SER A 209 -7.62 -20.49 17.75
CA SER A 209 -7.24 -21.87 17.35
C SER A 209 -8.40 -22.57 16.64
N PHE A 210 -8.09 -23.67 15.97
CA PHE A 210 -9.06 -24.72 15.59
C PHE A 210 -8.33 -26.06 15.51
N ASN A 211 -9.09 -27.16 15.57
CA ASN A 211 -8.58 -28.56 15.52
C ASN A 211 -9.28 -29.29 14.37
N ARG A 212 -9.00 -30.60 14.25
CA ARG A 212 -9.57 -31.47 13.19
C ARG A 212 -10.03 -32.77 13.85
N MET B 1 -0.63 27.72 -16.63
CA MET B 1 -0.95 26.27 -16.81
C MET B 1 0.20 25.39 -16.28
N GLN B 2 -0.06 24.64 -15.20
CA GLN B 2 0.84 23.57 -14.67
C GLN B 2 1.28 22.63 -15.80
N ILE B 3 2.57 22.27 -15.82
CA ILE B 3 3.10 21.23 -16.75
C ILE B 3 2.66 19.86 -16.24
N VAL B 4 1.95 19.10 -17.07
CA VAL B 4 1.50 17.70 -16.76
C VAL B 4 2.52 16.72 -17.35
N LEU B 5 2.94 15.76 -16.53
CA LEU B 5 3.81 14.63 -16.95
C LEU B 5 2.96 13.36 -16.98
N THR B 6 2.70 12.83 -18.19
CA THR B 6 1.97 11.57 -18.41
C THR B 6 2.98 10.42 -18.38
N GLN B 7 2.91 9.55 -17.37
CA GLN B 7 3.89 8.47 -17.13
C GLN B 7 3.31 7.13 -17.61
N SER B 8 4.06 6.42 -18.47
CA SER B 8 3.63 5.16 -19.14
C SER B 8 4.67 4.07 -18.86
N PRO B 9 4.22 2.84 -18.51
CA PRO B 9 2.84 2.59 -18.11
C PRO B 9 2.66 2.84 -16.60
N SER B 10 1.42 2.86 -16.11
CA SER B 10 1.11 2.96 -14.67
C SER B 10 1.63 1.72 -13.94
N SER B 11 1.30 0.53 -14.45
CA SER B 11 1.85 -0.77 -14.01
C SER B 11 2.60 -1.42 -15.18
N LEU B 12 3.84 -1.84 -14.94
CA LEU B 12 4.70 -2.49 -15.95
C LEU B 12 5.05 -3.90 -15.45
N SER B 13 4.63 -4.92 -16.19
CA SER B 13 4.91 -6.35 -15.88
C SER B 13 6.11 -6.81 -16.71
N ALA B 14 7.13 -7.35 -16.06
CA ALA B 14 8.40 -7.80 -16.68
C ALA B 14 9.02 -8.94 -15.86
N SER B 15 10.08 -9.55 -16.40
CA SER B 15 10.83 -10.66 -15.75
C SER B 15 12.27 -10.21 -15.43
N LEU B 16 12.98 -10.99 -14.63
CA LEU B 16 14.42 -10.75 -14.29
C LEU B 16 15.24 -10.82 -15.58
N GLY B 17 16.11 -9.83 -15.80
CA GLY B 17 17.02 -9.77 -16.96
C GLY B 17 16.39 -9.11 -18.19
N GLU B 18 15.10 -8.76 -18.13
CA GLU B 18 14.41 -8.01 -19.21
C GLU B 18 14.95 -6.58 -19.28
N ARG B 19 15.01 -6.03 -20.50
CA ARG B 19 15.24 -4.60 -20.79
C ARG B 19 13.87 -3.92 -20.82
N VAL B 20 13.66 -2.90 -19.99
CA VAL B 20 12.37 -2.18 -19.86
C VAL B 20 12.62 -0.68 -19.97
N SER B 21 11.63 0.06 -20.42
CA SER B 21 11.64 1.55 -20.49
C SER B 21 10.37 2.08 -19.81
N LEU B 22 10.54 3.10 -18.98
CA LEU B 22 9.43 3.97 -18.47
C LEU B 22 9.45 5.25 -19.30
N THR B 23 8.30 5.68 -19.80
CA THR B 23 8.18 6.93 -20.60
C THR B 23 7.42 7.94 -19.76
N CYS B 24 7.80 9.21 -19.92
CA CYS B 24 7.24 10.39 -19.23
C CYS B 24 7.11 11.50 -20.26
N ARG B 25 5.87 11.80 -20.68
CA ARG B 25 5.58 12.80 -21.75
C ARG B 25 5.23 14.13 -21.10
N ALA B 26 5.99 15.19 -21.40
CA ALA B 26 5.77 16.57 -20.91
C ALA B 26 4.71 17.26 -21.79
N SER B 27 3.71 17.92 -21.18
CA SER B 27 2.61 18.64 -21.87
C SER B 27 3.15 19.94 -22.47
N GLN B 28 4.24 20.47 -21.92
CA GLN B 28 4.96 21.67 -22.42
C GLN B 28 6.46 21.39 -22.37
N ASP B 29 7.24 22.12 -23.16
CA ASP B 29 8.71 21.92 -23.26
C ASP B 29 9.35 22.16 -21.90
N ILE B 30 10.16 21.20 -21.43
CA ILE B 30 10.90 21.27 -20.15
C ILE B 30 12.40 21.16 -20.43
N GLY B 31 12.80 21.13 -21.70
CA GLY B 31 14.21 20.98 -22.11
C GLY B 31 14.80 19.72 -21.53
N SER B 32 15.93 19.85 -20.81
CA SER B 32 16.68 18.71 -20.22
C SER B 32 16.29 18.54 -18.74
N SER B 33 15.43 19.42 -18.22
CA SER B 33 15.14 19.54 -16.77
C SER B 33 14.12 18.48 -16.35
N LEU B 34 14.52 17.21 -16.40
CA LEU B 34 13.74 16.08 -15.87
C LEU B 34 14.64 15.19 -15.02
N ASN B 35 14.17 14.81 -13.83
CA ASN B 35 14.84 13.86 -12.91
C ASN B 35 14.01 12.58 -12.82
N TRP B 36 14.67 11.45 -12.62
CA TRP B 36 14.02 10.13 -12.38
C TRP B 36 14.25 9.71 -10.92
N LEU B 37 13.17 9.42 -10.22
CA LEU B 37 13.17 9.04 -8.78
C LEU B 37 12.82 7.56 -8.65
N GLN B 38 13.30 6.94 -7.58
CA GLN B 38 12.95 5.54 -7.20
C GLN B 38 12.41 5.58 -5.76
N GLN B 39 11.26 4.97 -5.50
CA GLN B 39 10.71 4.83 -4.12
C GLN B 39 10.80 3.36 -3.69
N GLU B 40 11.58 3.10 -2.63
CA GLU B 40 11.82 1.75 -2.07
C GLU B 40 10.61 1.32 -1.24
N PRO B 41 10.49 0.00 -0.90
CA PRO B 41 9.38 -0.50 -0.10
C PRO B 41 9.31 0.13 1.30
N ASP B 42 10.43 0.64 1.81
CA ASP B 42 10.52 1.31 3.14
C ASP B 42 10.03 2.76 3.02
N GLY B 43 9.66 3.21 1.81
CA GLY B 43 9.06 4.54 1.56
C GLY B 43 10.09 5.59 1.15
N THR B 44 11.38 5.26 1.22
CA THR B 44 12.48 6.21 0.94
C THR B 44 12.50 6.48 -0.57
N ILE B 45 12.77 7.74 -0.93
CA ILE B 45 12.87 8.20 -2.34
C ILE B 45 14.33 8.62 -2.61
N LYS B 46 14.90 8.09 -3.69
CA LYS B 46 16.25 8.42 -4.22
C LYS B 46 16.08 9.04 -5.61
N ARG B 47 17.05 9.83 -6.04
CA ARG B 47 17.20 10.29 -7.45
C ARG B 47 18.21 9.37 -8.15
N LEU B 48 17.80 8.71 -9.24
CA LEU B 48 18.66 7.83 -10.06
C LEU B 48 19.34 8.67 -11.15
N ILE B 49 18.53 9.43 -11.87
CA ILE B 49 18.94 10.18 -13.09
C ILE B 49 18.52 11.64 -12.90
N TYR B 50 19.37 12.57 -13.35
CA TYR B 50 19.06 14.02 -13.36
C TYR B 50 19.42 14.60 -14.73
N ALA B 51 18.83 15.74 -15.05
CA ALA B 51 19.04 16.50 -16.31
C ALA B 51 18.90 15.52 -17.50
N THR B 52 17.87 14.68 -17.45
CA THR B 52 17.45 13.72 -18.51
C THR B 52 18.35 12.48 -18.54
N SER B 53 19.66 12.66 -18.69
CA SER B 53 20.61 11.58 -19.10
C SER B 53 21.60 11.20 -18.00
N SER B 54 21.89 12.07 -17.03
CA SER B 54 23.03 11.92 -16.08
C SER B 54 22.68 10.97 -14.93
N LEU B 55 23.54 9.96 -14.68
CA LEU B 55 23.48 9.05 -13.51
C LEU B 55 24.03 9.78 -12.28
N ASP B 56 23.28 9.75 -11.16
CA ASP B 56 23.77 10.20 -9.84
C ASP B 56 24.86 9.24 -9.37
N SER B 57 25.76 9.71 -8.50
CA SER B 57 26.86 8.89 -7.92
C SER B 57 26.27 7.63 -7.28
N GLY B 58 26.89 6.47 -7.55
CA GLY B 58 26.58 5.19 -6.91
C GLY B 58 25.45 4.44 -7.61
N VAL B 59 24.74 5.10 -8.55
CA VAL B 59 23.62 4.50 -9.31
C VAL B 59 24.17 3.46 -10.27
N PRO B 60 23.66 2.20 -10.25
CA PRO B 60 24.13 1.16 -11.17
C PRO B 60 24.05 1.53 -12.66
N LYS B 61 24.95 0.96 -13.47
CA LYS B 61 25.15 1.27 -14.91
C LYS B 61 23.91 0.88 -15.73
N ARG B 62 23.12 -0.10 -15.25
CA ARG B 62 21.96 -0.68 -15.97
C ARG B 62 20.85 0.38 -16.11
N PHE B 63 20.82 1.38 -15.23
CA PHE B 63 19.94 2.58 -15.35
C PHE B 63 20.55 3.55 -16.36
N SER B 64 19.69 4.10 -17.24
CA SER B 64 20.06 5.11 -18.27
C SER B 64 18.82 5.96 -18.61
N GLY B 65 19.02 7.25 -18.84
CA GLY B 65 17.95 8.21 -19.15
C GLY B 65 18.16 8.84 -20.51
N SER B 66 17.10 8.94 -21.31
CA SER B 66 17.14 9.54 -22.68
C SER B 66 15.88 10.38 -22.91
N ARG B 67 15.90 11.17 -23.98
CA ARG B 67 14.80 12.07 -24.39
C ARG B 67 14.62 11.96 -25.90
N SER B 68 13.39 11.78 -26.35
CA SER B 68 12.99 11.70 -27.78
C SER B 68 11.83 12.66 -28.00
N GLY B 69 12.13 13.89 -28.43
CA GLY B 69 11.16 15.00 -28.48
C GLY B 69 10.73 15.39 -27.08
N SER B 70 9.44 15.26 -26.79
CA SER B 70 8.83 15.61 -25.47
C SER B 70 8.61 14.35 -24.63
N ASP B 71 9.12 13.20 -25.10
CA ASP B 71 9.11 11.90 -24.39
C ASP B 71 10.47 11.67 -23.74
N TYR B 72 10.47 11.56 -22.41
CA TYR B 72 11.68 11.25 -21.59
C TYR B 72 11.53 9.82 -21.07
N SER B 73 12.58 9.02 -21.24
CA SER B 73 12.59 7.57 -20.89
C SER B 73 13.65 7.28 -19.84
N LEU B 74 13.27 6.51 -18.82
CA LEU B 74 14.19 5.72 -17.96
C LEU B 74 14.24 4.31 -18.53
N THR B 75 15.44 3.82 -18.84
CA THR B 75 15.69 2.45 -19.37
C THR B 75 16.55 1.68 -18.37
N ILE B 76 16.08 0.50 -17.97
CA ILE B 76 16.85 -0.49 -17.15
C ILE B 76 17.24 -1.64 -18.06
N SER B 77 18.53 -1.74 -18.41
CA SER B 77 19.07 -2.64 -19.46
C SER B 77 18.77 -4.10 -19.12
N SER B 78 18.89 -4.49 -17.85
CA SER B 78 18.69 -5.88 -17.39
C SER B 78 18.19 -5.88 -15.94
N LEU B 79 16.88 -6.07 -15.76
CA LEU B 79 16.15 -5.96 -14.47
C LEU B 79 16.73 -6.93 -13.43
N GLU B 80 16.91 -6.42 -12.21
CA GLU B 80 17.27 -7.21 -11.01
C GLU B 80 16.10 -7.13 -10.01
N SER B 81 16.09 -8.00 -9.00
CA SER B 81 14.97 -8.18 -8.04
C SER B 81 14.74 -6.90 -7.25
N GLU B 82 15.81 -6.15 -6.95
CA GLU B 82 15.73 -4.86 -6.20
C GLU B 82 15.00 -3.80 -7.03
N ASP B 83 14.91 -3.97 -8.35
CA ASP B 83 14.41 -2.94 -9.30
C ASP B 83 12.89 -2.94 -9.42
N PHE B 84 12.19 -3.92 -8.84
CA PHE B 84 10.71 -4.05 -8.93
C PHE B 84 10.04 -3.18 -7.88
N VAL B 85 10.17 -1.85 -8.03
CA VAL B 85 9.73 -0.82 -7.05
C VAL B 85 8.97 0.26 -7.83
N ASP B 86 8.67 1.39 -7.20
CA ASP B 86 7.98 2.54 -7.85
C ASP B 86 9.02 3.51 -8.40
N TYR B 87 8.70 4.12 -9.54
CA TYR B 87 9.54 5.12 -10.26
C TYR B 87 8.67 6.33 -10.62
N TYR B 88 9.23 7.53 -10.46
CA TYR B 88 8.57 8.82 -10.77
C TYR B 88 9.53 9.68 -11.60
N CYS B 89 9.02 10.31 -12.65
CA CYS B 89 9.70 11.44 -13.32
C CYS B 89 9.31 12.73 -12.60
N LEU B 90 10.20 13.71 -12.60
CA LEU B 90 10.06 15.01 -11.91
C LEU B 90 10.63 16.09 -12.84
N GLN B 91 9.83 17.09 -13.23
CA GLN B 91 10.30 18.22 -14.05
C GLN B 91 10.47 19.44 -13.13
N TYR B 92 11.56 20.18 -13.33
CA TYR B 92 11.95 21.38 -12.54
C TYR B 92 12.30 22.53 -13.50
N ALA B 93 11.69 22.52 -14.69
CA ALA B 93 11.85 23.56 -15.73
C ALA B 93 10.98 24.77 -15.41
N SER B 94 9.93 24.59 -14.60
CA SER B 94 8.84 25.57 -14.38
C SER B 94 8.20 25.35 -13.01
N SER B 95 7.68 26.41 -12.39
CA SER B 95 6.92 26.38 -11.11
C SER B 95 5.43 26.21 -11.41
N PRO B 96 4.71 25.29 -10.73
CA PRO B 96 5.30 24.38 -9.74
C PRO B 96 6.05 23.21 -10.41
N TRP B 97 7.02 22.65 -9.70
CA TRP B 97 7.63 21.34 -10.02
C TRP B 97 6.50 20.30 -10.02
N THR B 98 6.46 19.43 -11.02
CA THR B 98 5.40 18.41 -11.17
C THR B 98 6.04 17.03 -11.39
N PHE B 99 5.30 15.99 -11.01
CA PHE B 99 5.72 14.56 -11.04
C PHE B 99 4.78 13.78 -11.95
N GLY B 100 5.26 12.69 -12.53
CA GLY B 100 4.40 11.69 -13.20
C GLY B 100 3.55 10.94 -12.18
N GLY B 101 2.53 10.22 -12.65
CA GLY B 101 1.64 9.40 -11.80
C GLY B 101 2.40 8.29 -11.09
N GLY B 102 3.55 7.89 -11.64
CA GLY B 102 4.35 6.78 -11.12
C GLY B 102 4.23 5.56 -12.01
N THR B 103 5.19 4.64 -11.88
CA THR B 103 5.20 3.32 -12.55
C THR B 103 5.65 2.28 -11.53
N LYS B 104 4.76 1.34 -11.20
CA LYS B 104 5.07 0.14 -10.39
C LYS B 104 5.63 -0.93 -11.33
N LEU B 105 6.89 -1.33 -11.13
CA LEU B 105 7.45 -2.56 -11.75
C LEU B 105 6.91 -3.76 -10.98
N GLU B 106 6.37 -4.72 -11.74
CA GLU B 106 5.61 -5.89 -11.25
C GLU B 106 6.19 -7.12 -11.96
N ILE B 107 6.18 -8.28 -11.33
CA ILE B 107 6.76 -9.51 -11.93
C ILE B 107 5.70 -10.16 -12.83
N LYS B 108 6.02 -10.30 -14.12
CA LYS B 108 5.15 -10.94 -15.16
C LYS B 108 5.01 -12.43 -14.85
N ARG B 109 3.81 -12.95 -15.07
CA ARG B 109 3.34 -14.27 -14.59
C ARG B 109 2.25 -14.79 -15.55
N ALA B 110 2.07 -16.11 -15.67
CA ALA B 110 0.91 -16.71 -16.37
C ALA B 110 -0.37 -16.27 -15.64
N ASP B 111 -1.41 -15.94 -16.40
CA ASP B 111 -2.74 -15.54 -15.85
C ASP B 111 -3.27 -16.69 -14.98
N ALA B 112 -3.84 -16.35 -13.83
CA ALA B 112 -4.44 -17.29 -12.86
C ALA B 112 -5.85 -16.79 -12.47
N ALA B 113 -6.84 -17.68 -12.49
CA ALA B 113 -8.18 -17.43 -11.92
C ALA B 113 -8.07 -17.53 -10.40
N PRO B 114 -8.85 -16.73 -9.64
CA PRO B 114 -8.82 -16.80 -8.19
C PRO B 114 -9.50 -18.08 -7.69
N THR B 115 -8.97 -18.69 -6.63
CA THR B 115 -9.67 -19.71 -5.83
C THR B 115 -10.58 -18.96 -4.86
N VAL B 116 -11.89 -19.11 -5.01
CA VAL B 116 -12.92 -18.32 -4.27
C VAL B 116 -13.45 -19.20 -3.13
N SER B 117 -13.40 -18.69 -1.90
CA SER B 117 -14.04 -19.30 -0.70
C SER B 117 -14.98 -18.28 -0.08
N ILE B 118 -16.17 -18.73 0.33
CA ILE B 118 -17.19 -17.88 1.01
C ILE B 118 -17.42 -18.47 2.41
N PHE B 119 -17.29 -17.65 3.44
CA PHE B 119 -17.46 -18.03 4.86
C PHE B 119 -18.62 -17.25 5.46
N PRO B 120 -19.64 -17.94 6.03
CA PRO B 120 -20.68 -17.25 6.79
C PRO B 120 -20.12 -16.78 8.12
N PRO B 121 -20.76 -15.79 8.77
CA PRO B 121 -20.25 -15.22 10.03
C PRO B 121 -20.32 -16.19 11.21
N SER B 122 -19.46 -15.95 12.21
CA SER B 122 -19.27 -16.81 13.42
C SER B 122 -20.48 -16.70 14.34
N SER B 123 -20.76 -17.75 15.10
CA SER B 123 -21.81 -17.81 16.15
C SER B 123 -21.51 -16.75 17.21
N GLU B 124 -20.25 -16.65 17.65
CA GLU B 124 -19.78 -15.63 18.62
C GLU B 124 -20.14 -14.24 18.09
N GLN B 125 -19.65 -13.90 16.88
CA GLN B 125 -19.93 -12.62 16.18
C GLN B 125 -21.44 -12.36 16.13
N LEU B 126 -22.21 -13.40 15.78
CA LEU B 126 -23.64 -13.29 15.38
C LEU B 126 -24.52 -12.89 16.56
N THR B 127 -24.17 -13.32 17.79
CA THR B 127 -24.94 -13.05 19.03
C THR B 127 -24.77 -11.59 19.49
N SER B 128 -23.60 -11.00 19.24
CA SER B 128 -23.38 -9.53 19.22
C SER B 128 -23.88 -8.96 17.87
N GLY B 129 -24.04 -7.64 17.80
CA GLY B 129 -24.71 -6.92 16.69
C GLY B 129 -24.29 -7.41 15.31
N GLY B 130 -22.98 -7.47 15.03
CA GLY B 130 -22.42 -7.61 13.68
C GLY B 130 -22.65 -8.99 13.05
N ALA B 131 -22.76 -9.01 11.72
CA ALA B 131 -22.75 -10.21 10.85
C ALA B 131 -21.91 -9.93 9.60
N SER B 132 -20.66 -10.40 9.57
CA SER B 132 -19.72 -10.24 8.42
C SER B 132 -19.61 -11.54 7.61
N VAL B 133 -20.08 -11.51 6.36
CA VAL B 133 -19.86 -12.58 5.35
C VAL B 133 -18.54 -12.27 4.63
N VAL B 134 -17.60 -13.21 4.64
CA VAL B 134 -16.22 -13.04 4.09
C VAL B 134 -16.09 -13.89 2.82
N CYS B 135 -15.57 -13.27 1.75
CA CYS B 135 -15.30 -13.89 0.44
C CYS B 135 -13.79 -13.76 0.15
N PHE B 136 -13.08 -14.89 0.13
CA PHE B 136 -11.64 -14.97 -0.17
C PHE B 136 -11.44 -15.20 -1.67
N LEU B 137 -10.50 -14.45 -2.26
CA LEU B 137 -10.07 -14.63 -3.67
C LEU B 137 -8.55 -14.78 -3.69
N ASN B 138 -8.06 -16.00 -3.95
CA ASN B 138 -6.67 -16.40 -3.66
C ASN B 138 -5.90 -16.68 -4.94
N ASN B 139 -4.69 -16.13 -5.04
CA ASN B 139 -3.63 -16.51 -6.01
C ASN B 139 -4.18 -16.36 -7.43
N PHE B 140 -4.65 -15.16 -7.76
CA PHE B 140 -5.06 -14.75 -9.12
C PHE B 140 -4.01 -13.80 -9.70
N TYR B 141 -3.94 -13.75 -11.04
CA TYR B 141 -3.12 -12.79 -11.83
C TYR B 141 -3.85 -12.55 -13.15
N PRO B 142 -3.91 -11.32 -13.70
CA PRO B 142 -3.35 -10.13 -13.06
C PRO B 142 -4.16 -9.57 -11.88
N LYS B 143 -3.67 -8.47 -11.31
CA LYS B 143 -4.18 -7.79 -10.10
C LYS B 143 -5.62 -7.31 -10.34
N ASP B 144 -5.94 -6.84 -11.55
CA ASP B 144 -7.29 -6.32 -11.90
C ASP B 144 -8.32 -7.44 -11.71
N ILE B 145 -9.32 -7.20 -10.85
CA ILE B 145 -10.45 -8.14 -10.55
C ILE B 145 -11.64 -7.32 -10.05
N ASN B 146 -12.86 -7.87 -10.17
CA ASN B 146 -14.10 -7.27 -9.62
C ASN B 146 -14.85 -8.33 -8.79
N VAL B 147 -15.40 -7.89 -7.65
CA VAL B 147 -16.24 -8.71 -6.74
C VAL B 147 -17.61 -8.03 -6.60
N LYS B 148 -18.67 -8.68 -7.07
CA LYS B 148 -20.09 -8.35 -6.76
C LYS B 148 -20.51 -9.11 -5.50
N TRP B 149 -21.43 -8.54 -4.71
CA TRP B 149 -22.19 -9.25 -3.66
C TRP B 149 -23.68 -9.29 -4.06
N LYS B 150 -24.31 -10.45 -3.94
CA LYS B 150 -25.75 -10.65 -4.22
C LYS B 150 -26.41 -11.23 -2.96
N ILE B 151 -27.55 -10.66 -2.56
CA ILE B 151 -28.41 -11.17 -1.46
C ILE B 151 -29.74 -11.62 -2.08
N ASP B 152 -30.02 -12.93 -2.07
CA ASP B 152 -31.24 -13.53 -2.67
C ASP B 152 -31.38 -13.02 -4.11
N GLY B 153 -30.29 -13.09 -4.88
CA GLY B 153 -30.26 -12.75 -6.32
C GLY B 153 -30.01 -11.27 -6.58
N SER B 154 -30.23 -10.41 -5.58
CA SER B 154 -30.18 -8.93 -5.69
C SER B 154 -28.79 -8.41 -5.28
N GLU B 155 -28.17 -7.59 -6.13
CA GLU B 155 -26.82 -7.01 -5.91
C GLU B 155 -26.84 -6.05 -4.71
N ARG B 156 -25.89 -6.20 -3.78
CA ARG B 156 -25.67 -5.25 -2.65
C ARG B 156 -24.31 -4.58 -2.82
N GLN B 157 -24.28 -3.25 -2.80
CA GLN B 157 -23.11 -2.41 -3.15
C GLN B 157 -22.46 -1.81 -1.89
N ASN B 158 -23.25 -1.48 -0.87
CA ASN B 158 -22.80 -0.79 0.37
C ASN B 158 -22.57 -1.81 1.50
N GLY B 159 -21.72 -1.46 2.46
CA GLY B 159 -21.33 -2.30 3.61
C GLY B 159 -20.31 -3.36 3.22
N VAL B 160 -19.52 -3.10 2.17
CA VAL B 160 -18.53 -4.04 1.60
C VAL B 160 -17.13 -3.46 1.76
N LEU B 161 -16.22 -4.19 2.41
CA LEU B 161 -14.81 -3.78 2.64
C LEU B 161 -13.88 -4.74 1.91
N ASN B 162 -13.08 -4.20 0.98
CA ASN B 162 -12.17 -4.96 0.08
C ASN B 162 -10.72 -4.70 0.50
N SER B 163 -9.95 -5.75 0.75
CA SER B 163 -8.52 -5.68 1.12
C SER B 163 -7.69 -6.54 0.15
N TRP B 164 -6.72 -5.92 -0.53
CA TRP B 164 -5.77 -6.58 -1.47
C TRP B 164 -4.44 -6.86 -0.76
N THR B 165 -3.76 -7.93 -1.16
CA THR B 165 -2.32 -8.17 -0.87
C THR B 165 -1.50 -7.48 -1.95
N ASP B 166 -0.24 -7.15 -1.65
CA ASP B 166 0.76 -6.80 -2.69
C ASP B 166 1.04 -8.07 -3.49
N GLN B 167 1.84 -7.98 -4.56
CA GLN B 167 2.26 -9.16 -5.36
C GLN B 167 3.07 -10.08 -4.45
N ASP B 168 2.73 -11.38 -4.45
CA ASP B 168 3.39 -12.42 -3.64
C ASP B 168 4.84 -12.59 -4.13
N SER B 169 5.82 -12.53 -3.23
CA SER B 169 7.26 -12.65 -3.55
C SER B 169 7.58 -14.08 -3.99
N LYS B 170 6.84 -15.07 -3.49
CA LYS B 170 7.07 -16.51 -3.74
C LYS B 170 6.55 -16.87 -5.14
N ASP B 171 5.29 -16.57 -5.46
CA ASP B 171 4.60 -17.10 -6.67
C ASP B 171 4.06 -15.99 -7.59
N SER B 172 4.27 -14.72 -7.25
CA SER B 172 3.99 -13.53 -8.11
C SER B 172 2.48 -13.31 -8.33
N THR B 173 1.61 -13.95 -7.52
CA THR B 173 0.14 -13.82 -7.63
C THR B 173 -0.36 -12.71 -6.70
N TYR B 174 -1.65 -12.38 -6.82
CA TYR B 174 -2.39 -11.48 -5.91
C TYR B 174 -3.51 -12.26 -5.23
N SER B 175 -3.82 -11.90 -3.98
CA SER B 175 -4.99 -12.39 -3.22
C SER B 175 -5.78 -11.19 -2.73
N MET B 176 -7.03 -11.40 -2.32
CA MET B 176 -7.89 -10.35 -1.75
C MET B 176 -9.05 -10.96 -0.97
N SER B 177 -9.46 -10.26 0.08
CA SER B 177 -10.70 -10.55 0.85
C SER B 177 -11.73 -9.45 0.56
N SER B 178 -12.99 -9.84 0.38
CA SER B 178 -14.17 -8.94 0.35
C SER B 178 -15.07 -9.32 1.53
N THR B 179 -15.30 -8.38 2.46
CA THR B 179 -16.18 -8.58 3.64
C THR B 179 -17.48 -7.79 3.45
N LEU B 180 -18.62 -8.49 3.40
CA LEU B 180 -19.98 -7.90 3.46
C LEU B 180 -20.38 -7.77 4.93
N THR B 181 -20.03 -6.63 5.55
CA THR B 181 -20.32 -6.29 6.96
C THR B 181 -21.79 -5.92 7.05
N LEU B 182 -22.50 -6.41 8.07
CA LEU B 182 -23.99 -6.40 8.14
C LEU B 182 -24.41 -6.43 9.61
N THR B 183 -25.68 -6.14 9.89
CA THR B 183 -26.31 -6.28 11.23
C THR B 183 -26.81 -7.72 11.39
N LYS B 184 -26.87 -8.22 12.62
CA LYS B 184 -27.51 -9.52 12.98
C LYS B 184 -28.92 -9.56 12.38
N ASP B 185 -29.68 -8.47 12.58
CA ASP B 185 -31.06 -8.26 12.04
C ASP B 185 -31.05 -8.48 10.53
N GLU B 186 -30.30 -7.65 9.79
CA GLU B 186 -30.20 -7.66 8.31
C GLU B 186 -29.87 -9.07 7.81
N TYR B 187 -28.87 -9.71 8.40
CA TYR B 187 -28.39 -11.06 7.99
C TYR B 187 -29.54 -12.07 8.02
N GLU B 188 -30.26 -12.15 9.15
CA GLU B 188 -31.37 -13.12 9.38
C GLU B 188 -32.65 -12.69 8.63
N ARG B 189 -32.69 -11.47 8.11
CA ARG B 189 -33.78 -10.97 7.22
C ARG B 189 -33.80 -11.76 5.91
N HIS B 190 -32.61 -11.98 5.32
CA HIS B 190 -32.41 -12.66 4.00
C HIS B 190 -31.80 -14.04 4.21
N ASN B 191 -31.69 -14.84 3.15
CA ASN B 191 -31.37 -16.29 3.22
C ASN B 191 -30.12 -16.62 2.38
N SER B 192 -30.10 -16.19 1.11
CA SER B 192 -29.10 -16.56 0.08
C SER B 192 -28.05 -15.46 -0.06
N TYR B 193 -26.75 -15.83 0.08
CA TYR B 193 -25.59 -14.90 0.01
C TYR B 193 -24.58 -15.41 -1.02
N THR B 194 -24.14 -14.52 -1.92
CA THR B 194 -23.27 -14.83 -3.09
C THR B 194 -22.29 -13.68 -3.34
N CYS B 195 -20.98 -13.94 -3.25
CA CYS B 195 -19.93 -13.11 -3.91
C CYS B 195 -19.66 -13.73 -5.29
N GLU B 196 -19.68 -12.90 -6.34
CA GLU B 196 -19.33 -13.33 -7.73
C GLU B 196 -18.12 -12.51 -8.19
N ALA B 197 -17.09 -13.19 -8.68
CA ALA B 197 -15.79 -12.61 -9.08
C ALA B 197 -15.70 -12.56 -10.61
N THR B 198 -15.32 -11.40 -11.15
CA THR B 198 -15.09 -11.17 -12.60
C THR B 198 -13.59 -10.93 -12.78
N HIS B 199 -12.95 -11.81 -13.55
CA HIS B 199 -11.48 -11.80 -13.82
C HIS B 199 -11.27 -12.05 -15.31
N LYS B 200 -10.13 -11.57 -15.83
CA LYS B 200 -9.65 -11.77 -17.23
C LYS B 200 -9.79 -13.24 -17.63
N THR B 201 -9.45 -14.18 -16.74
CA THR B 201 -9.24 -15.62 -17.03
C THR B 201 -10.56 -16.38 -17.20
N SER B 202 -11.71 -15.75 -17.02
CA SER B 202 -13.04 -16.37 -17.21
C SER B 202 -13.94 -15.40 -17.98
N THR B 203 -14.56 -15.85 -19.08
CA THR B 203 -15.50 -15.04 -19.90
C THR B 203 -16.77 -14.78 -19.09
N SER B 204 -17.09 -15.68 -18.15
CA SER B 204 -18.24 -15.59 -17.22
C SER B 204 -17.74 -15.56 -15.78
N PRO B 205 -18.52 -15.00 -14.83
CA PRO B 205 -18.01 -14.77 -13.48
C PRO B 205 -17.94 -16.07 -12.65
N ILE B 206 -16.98 -16.15 -11.74
CA ILE B 206 -16.89 -17.23 -10.71
C ILE B 206 -17.80 -16.86 -9.54
N VAL B 207 -18.73 -17.76 -9.17
CA VAL B 207 -19.76 -17.52 -8.12
C VAL B 207 -19.56 -18.52 -6.99
N LYS B 208 -19.64 -18.06 -5.74
CA LYS B 208 -19.65 -18.90 -4.52
C LYS B 208 -20.81 -18.42 -3.65
N SER B 209 -21.57 -19.36 -3.06
CA SER B 209 -22.87 -19.10 -2.39
C SER B 209 -23.04 -19.98 -1.14
N PHE B 210 -24.06 -19.66 -0.33
CA PHE B 210 -24.58 -20.49 0.79
C PHE B 210 -25.95 -19.94 1.21
N ASN B 211 -26.74 -20.75 1.94
CA ASN B 211 -28.06 -20.36 2.51
C ASN B 211 -28.05 -20.60 4.02
N ARG B 212 -29.21 -20.53 4.68
CA ARG B 212 -29.48 -21.14 6.01
C ARG B 212 -30.54 -22.24 5.87
#